data_9B8U
#
_entry.id   9B8U
#
_cell.length_a   109.597
_cell.length_b   75.494
_cell.length_c   97.229
_cell.angle_alpha   90.000
_cell.angle_beta   120.248
_cell.angle_gamma   90.000
#
_symmetry.space_group_name_H-M   'C 1 2 1'
#
loop_
_entity.id
_entity.type
_entity.pdbx_description
1 polymer 'Cone-rod homeobox protein'
2 polymer "DNA (5'-D(P*CP*AP*GP*GP*AP*GP*CP*TP*TP*AP*GP*GP*AP*GP*GP*GP*GP*GP*AP*G)-3')"
3 polymer "DNA (5'-D(P*CP*TP*CP*CP*CP*CP*CP*TP*CP*CP*TP*AP*AP*GP*CP*TP*CP*CP*TP*G)-3')"
4 non-polymer 'CACODYLATE ION'
5 non-polymer (4S)-2-METHYL-2,4-PENTANEDIOL
6 non-polymer GLYCEROL
7 non-polymer 'POTASSIUM ION'
8 non-polymer 'SODIUM ION'
9 water water
#
loop_
_entity_poly.entity_id
_entity_poly.type
_entity_poly.pdbx_seq_one_letter_code
_entity_poly.pdbx_strand_id
1 'polypeptide(L)'
;GAMDPYPSAPRKQRRERTTFTRSQLEELEALFAKTQYPDVYAREEVALKINLPESRVQVWFKNRRAKCRQQRQQQKQQQQ
P
;
A,B,C,D
2 'polydeoxyribonucleotide'
;(DC)(DC)(DA)(DG)(DG)(DA)(DG)(DC)(DT)(DT)(DA)(DG)(DG)(DA)(DG)(DG)(DG)(DG)(DG)(DA)
(DG)
;
E,G
3 'polydeoxyribonucleotide'
;(DC)(DC)(DT)(DC)(DC)(DC)(DC)(DC)(DT)(DC)(DC)(DT)(DA)(DA)(DG)(DC)(DT)(DC)(DC)(DT)
(DG)
;
F,H
#
# COMPACT_ATOMS: atom_id res chain seq x y z
N ARG A 15 32.21 -5.07 7.58
CA ARG A 15 32.65 -3.98 6.72
C ARG A 15 31.71 -3.83 5.52
N GLU A 16 30.45 -4.19 5.72
CA GLU A 16 29.39 -3.99 4.74
C GLU A 16 28.47 -2.84 5.07
N ARG A 17 28.37 -2.44 6.33
CA ARG A 17 27.44 -1.40 6.74
C ARG A 17 27.90 -0.81 8.06
N THR A 18 28.04 0.52 8.09
CA THR A 18 28.46 1.21 9.29
C THR A 18 27.31 1.30 10.28
N THR A 19 27.63 1.19 11.58
CA THR A 19 26.64 1.31 12.65
C THR A 19 27.09 2.42 13.58
N PHE A 20 26.51 3.61 13.43
CA PHE A 20 26.88 4.75 14.27
C PHE A 20 26.37 4.54 15.69
N THR A 21 27.27 4.57 16.65
CA THR A 21 26.90 4.47 18.06
C THR A 21 26.30 5.79 18.54
N ARG A 22 25.82 5.79 19.79
CA ARG A 22 25.22 7.00 20.35
C ARG A 22 26.25 8.11 20.49
N SER A 23 27.46 7.77 20.91
CA SER A 23 28.50 8.77 21.09
C SER A 23 28.95 9.36 19.75
N GLN A 24 28.91 8.56 18.68
CA GLN A 24 29.28 9.07 17.37
C GLN A 24 28.20 10.00 16.82
N LEU A 25 26.93 9.66 17.03
CA LEU A 25 25.84 10.51 16.55
C LEU A 25 25.86 11.87 17.23
N GLU A 26 26.37 11.94 18.45
CA GLU A 26 26.47 13.23 19.14
C GLU A 26 27.42 14.17 18.40
N GLU A 27 28.60 13.67 18.03
CA GLU A 27 29.55 14.50 17.28
C GLU A 27 29.01 14.84 15.90
N LEU A 28 28.32 13.89 15.26
CA LEU A 28 27.82 14.11 13.91
C LEU A 28 26.68 15.12 13.90
N GLU A 29 25.69 14.94 14.78
CA GLU A 29 24.58 15.88 14.85
C GLU A 29 25.05 17.26 15.30
N ALA A 30 26.13 17.33 16.07
CA ALA A 30 26.67 18.62 16.49
C ALA A 30 27.21 19.39 15.30
N LEU A 31 28.02 18.75 14.47
CA LEU A 31 28.53 19.40 13.27
C LEU A 31 27.39 19.77 12.32
N PHE A 32 26.37 18.91 12.25
CA PHE A 32 25.24 19.19 11.36
C PHE A 32 24.50 20.44 11.79
N ALA A 33 24.47 20.73 13.10
CA ALA A 33 23.85 21.96 13.57
C ALA A 33 24.60 23.18 13.05
N LYS A 34 25.93 23.11 13.01
CA LYS A 34 26.73 24.22 12.50
C LYS A 34 26.53 24.37 10.99
N THR A 35 26.61 23.27 10.26
CA THR A 35 26.52 23.29 8.80
C THR A 35 25.77 22.06 8.31
N GLN A 36 24.76 22.29 7.47
CA GLN A 36 24.08 21.18 6.82
C GLN A 36 24.97 20.56 5.74
N TYR A 37 25.77 21.38 5.06
CA TYR A 37 26.68 20.93 4.01
C TYR A 37 28.11 21.22 4.45
N PRO A 38 28.81 20.25 5.06
CA PRO A 38 30.19 20.49 5.46
C PRO A 38 31.19 20.15 4.36
N ASP A 39 32.26 20.94 4.29
CA ASP A 39 33.32 20.67 3.33
C ASP A 39 34.24 19.55 3.86
N VAL A 40 35.09 19.05 2.97
CA VAL A 40 35.85 17.84 3.28
C VAL A 40 36.77 18.05 4.48
N TYR A 41 37.22 19.28 4.71
CA TYR A 41 38.10 19.54 5.85
C TYR A 41 37.36 19.36 7.17
N ALA A 42 36.14 19.87 7.26
CA ALA A 42 35.37 19.72 8.49
C ALA A 42 34.92 18.27 8.69
N ARG A 43 34.58 17.59 7.60
CA ARG A 43 34.17 16.19 7.69
C ARG A 43 35.31 15.29 8.15
N GLU A 44 36.56 15.68 7.86
CA GLU A 44 37.70 14.91 8.33
C GLU A 44 37.87 15.04 9.83
N GLU A 45 37.73 16.25 10.37
CA GLU A 45 37.89 16.47 11.80
C GLU A 45 36.89 15.63 12.61
N VAL A 46 35.65 15.56 12.14
CA VAL A 46 34.65 14.77 12.84
C VAL A 46 34.83 13.29 12.56
N ALA A 47 35.38 12.94 11.39
CA ALA A 47 35.63 11.53 11.08
C ALA A 47 36.63 10.94 12.06
N LEU A 48 37.67 11.70 12.42
CA LEU A 48 38.65 11.19 13.38
C LEU A 48 38.08 11.15 14.78
N LYS A 49 37.24 12.12 15.14
CA LYS A 49 36.62 12.10 16.48
C LYS A 49 35.78 10.85 16.68
N ILE A 50 35.01 10.46 15.65
CA ILE A 50 34.17 9.27 15.73
C ILE A 50 34.89 8.02 15.24
N ASN A 51 36.16 8.15 14.83
CA ASN A 51 36.99 7.01 14.40
C ASN A 51 36.36 6.26 13.23
N LEU A 52 35.67 6.99 12.35
CA LEU A 52 35.07 6.42 11.17
C LEU A 52 35.58 7.14 9.92
N PRO A 53 35.71 6.43 8.80
CA PRO A 53 36.24 7.07 7.58
C PRO A 53 35.34 8.19 7.11
N GLU A 54 35.96 9.23 6.53
CA GLU A 54 35.22 10.40 6.08
C GLU A 54 34.12 10.02 5.09
N SER A 55 34.28 8.90 4.38
CA SER A 55 33.24 8.44 3.47
C SER A 55 31.92 8.23 4.20
N ARG A 56 31.97 7.63 5.39
CA ARG A 56 30.75 7.45 6.18
C ARG A 56 30.19 8.79 6.66
N VAL A 57 31.06 9.77 6.90
CA VAL A 57 30.60 11.08 7.34
C VAL A 57 29.86 11.78 6.20
N GLN A 58 30.33 11.62 4.97
CA GLN A 58 29.67 12.27 3.84
C GLN A 58 28.31 11.63 3.56
N VAL A 59 28.23 10.30 3.61
CA VAL A 59 26.96 9.62 3.37
C VAL A 59 25.95 9.97 4.47
N TRP A 60 26.44 10.08 5.70
CA TRP A 60 25.56 10.43 6.82
C TRP A 60 24.89 11.78 6.58
N PHE A 61 25.68 12.79 6.18
CA PHE A 61 25.10 14.10 5.93
C PHE A 61 24.20 14.09 4.70
N LYS A 62 24.56 13.31 3.68
CA LYS A 62 23.66 13.15 2.54
C LYS A 62 22.33 12.56 2.99
N ASN A 63 22.37 11.64 3.97
CA ASN A 63 21.14 11.10 4.52
C ASN A 63 20.56 11.98 5.63
N ARG A 64 21.41 12.74 6.33
CA ARG A 64 20.90 13.62 7.39
C ARG A 64 20.12 14.78 6.82
N ARG A 65 20.46 15.22 5.60
CA ARG A 65 19.69 16.28 4.97
C ARG A 65 18.34 15.79 4.49
N ALA A 66 18.25 14.52 4.07
CA ALA A 66 16.96 13.97 3.66
C ALA A 66 16.04 13.74 4.85
N LYS A 67 16.60 13.35 6.00
CA LYS A 67 15.78 13.22 7.21
C LYS A 67 15.33 14.57 7.74
N CYS A 68 16.05 15.64 7.40
CA CYS A 68 15.62 16.98 7.80
C CYS A 68 14.56 17.53 6.86
N ARG A 69 14.75 17.37 5.55
CA ARG A 69 13.72 17.78 4.60
C ARG A 69 12.44 16.99 4.77
N GLN A 70 12.54 15.75 5.26
CA GLN A 70 11.35 14.95 5.52
C GLN A 70 10.55 15.53 6.68
N GLN A 71 11.22 15.88 7.78
CA GLN A 71 10.54 16.44 8.94
C GLN A 71 10.15 17.90 8.75
N ARG A 72 10.62 18.55 7.70
CA ARG A 72 10.16 19.91 7.40
C ARG A 72 8.72 19.93 6.90
N GLN A 73 8.21 18.80 6.42
CA GLN A 73 6.81 18.71 6.03
C GLN A 73 6.06 17.71 6.92
N GLN B 13 29.32 -9.66 -3.74
CA GLN B 13 30.18 -8.74 -4.46
C GLN B 13 29.35 -7.76 -5.27
N ARG B 14 28.29 -8.27 -5.89
CA ARG B 14 27.43 -7.49 -6.77
C ARG B 14 26.21 -7.03 -6.00
N ARG B 15 26.08 -5.70 -5.84
CA ARG B 15 24.86 -5.09 -5.28
C ARG B 15 24.42 -4.00 -6.25
N GLU B 16 23.68 -4.40 -7.30
CA GLU B 16 23.07 -3.46 -8.22
C GLU B 16 21.77 -2.89 -7.66
N ARG B 17 21.50 -3.18 -6.39
CA ARG B 17 20.36 -2.74 -5.60
CA ARG B 17 20.36 -2.68 -5.64
C ARG B 17 19.03 -3.12 -6.23
N THR B 18 19.03 -3.98 -7.24
CA THR B 18 17.82 -4.59 -7.79
C THR B 18 16.70 -3.57 -7.96
N THR B 19 16.94 -2.60 -8.84
CA THR B 19 15.91 -1.61 -9.16
C THR B 19 14.76 -2.27 -9.90
N PHE B 20 13.55 -2.21 -9.34
CA PHE B 20 12.40 -2.89 -9.92
C PHE B 20 11.77 -2.01 -11.00
N THR B 21 11.40 -2.64 -12.10
CA THR B 21 10.61 -1.96 -13.12
C THR B 21 9.14 -1.97 -12.70
N ARG B 22 8.31 -1.27 -13.48
CA ARG B 22 6.88 -1.23 -13.18
C ARG B 22 6.24 -2.58 -13.43
N SER B 23 6.65 -3.28 -14.48
CA SER B 23 6.11 -4.61 -14.76
C SER B 23 6.49 -5.58 -13.64
N GLN B 24 7.70 -5.47 -13.10
CA GLN B 24 8.09 -6.29 -11.97
C GLN B 24 7.28 -5.94 -10.73
N LEU B 25 7.14 -4.66 -10.44
CA LEU B 25 6.32 -4.22 -9.31
C LEU B 25 4.86 -4.60 -9.47
N GLU B 26 4.39 -4.79 -10.71
CA GLU B 26 3.00 -5.16 -10.93
C GLU B 26 2.73 -6.59 -10.47
N GLU B 27 3.62 -7.53 -10.82
CA GLU B 27 3.47 -8.90 -10.37
C GLU B 27 3.66 -9.02 -8.86
N LEU B 28 4.59 -8.23 -8.31
CA LEU B 28 4.83 -8.25 -6.87
C LEU B 28 3.58 -7.83 -6.10
N GLU B 29 3.06 -6.64 -6.42
CA GLU B 29 1.88 -6.16 -5.72
C GLU B 29 0.68 -7.07 -5.92
N ALA B 30 0.63 -7.79 -7.04
CA ALA B 30 -0.43 -8.76 -7.26
C ALA B 30 -0.34 -9.91 -6.26
N LEU B 31 0.86 -10.46 -6.07
CA LEU B 31 1.06 -11.51 -5.07
C LEU B 31 0.87 -10.95 -3.66
N PHE B 32 1.31 -9.71 -3.42
CA PHE B 32 1.17 -9.11 -2.10
C PHE B 32 -0.30 -8.93 -1.74
N ALA B 33 -1.17 -8.79 -2.74
CA ALA B 33 -2.60 -8.64 -2.47
C ALA B 33 -3.19 -9.94 -1.95
N LYS B 34 -2.81 -11.08 -2.54
CA LYS B 34 -3.31 -12.36 -2.07
C LYS B 34 -2.67 -12.77 -0.75
N THR B 35 -1.39 -12.47 -0.57
CA THR B 35 -0.67 -12.88 0.62
C THR B 35 0.52 -11.95 0.86
N GLN B 36 0.74 -11.58 2.11
CA GLN B 36 1.88 -10.78 2.51
C GLN B 36 3.02 -11.60 3.07
N TYR B 37 2.78 -12.87 3.39
CA TYR B 37 3.80 -13.80 3.92
C TYR B 37 3.85 -15.04 3.05
N PRO B 38 4.26 -14.90 1.78
CA PRO B 38 4.25 -16.06 0.90
C PRO B 38 5.40 -17.00 1.23
N ASP B 39 5.14 -18.30 1.05
CA ASP B 39 6.18 -19.30 1.27
C ASP B 39 7.22 -19.21 0.16
N VAL B 40 8.26 -20.05 0.26
CA VAL B 40 9.33 -20.03 -0.71
C VAL B 40 8.82 -20.36 -2.10
N TYR B 41 7.87 -21.28 -2.21
CA TYR B 41 7.37 -21.68 -3.51
C TYR B 41 6.58 -20.56 -4.18
N ALA B 42 5.81 -19.80 -3.40
CA ALA B 42 5.12 -18.64 -3.94
C ALA B 42 6.08 -17.52 -4.31
N ARG B 43 7.26 -17.49 -3.71
CA ARG B 43 8.23 -16.45 -4.03
C ARG B 43 9.08 -16.82 -5.25
N GLU B 44 9.39 -18.11 -5.42
CA GLU B 44 10.08 -18.54 -6.63
C GLU B 44 9.26 -18.25 -7.87
N GLU B 45 7.95 -18.51 -7.82
CA GLU B 45 7.10 -18.36 -9.00
C GLU B 45 7.08 -16.91 -9.50
N VAL B 46 6.93 -15.96 -8.58
CA VAL B 46 6.94 -14.56 -8.98
C VAL B 46 8.34 -14.10 -9.35
N ALA B 47 9.37 -14.70 -8.76
CA ALA B 47 10.74 -14.33 -9.12
C ALA B 47 11.05 -14.70 -10.56
N LEU B 48 10.45 -15.78 -11.06
CA LEU B 48 10.64 -16.17 -12.45
C LEU B 48 9.85 -15.26 -13.39
N LYS B 49 8.63 -14.88 -12.99
CA LYS B 49 7.85 -13.98 -13.82
C LYS B 49 8.55 -12.63 -14.00
N ILE B 50 9.14 -12.11 -12.93
CA ILE B 50 9.80 -10.81 -12.97
C ILE B 50 11.28 -10.95 -13.35
N ASN B 51 11.75 -12.16 -13.59
CA ASN B 51 13.13 -12.45 -13.98
C ASN B 51 14.12 -11.86 -12.98
N LEU B 52 13.94 -12.24 -11.72
CA LEU B 52 14.78 -11.77 -10.62
C LEU B 52 15.06 -12.94 -9.70
N PRO B 53 16.13 -12.87 -8.90
CA PRO B 53 16.37 -13.92 -7.91
C PRO B 53 15.29 -13.93 -6.84
N GLU B 54 15.03 -15.12 -6.29
CA GLU B 54 14.03 -15.24 -5.24
C GLU B 54 14.41 -14.42 -4.01
N SER B 55 15.70 -14.34 -3.70
CA SER B 55 16.13 -13.59 -2.52
C SER B 55 15.78 -12.12 -2.64
N ARG B 56 15.67 -11.60 -3.86
CA ARG B 56 15.27 -10.20 -4.03
C ARG B 56 13.79 -10.02 -3.76
N VAL B 57 12.97 -11.02 -4.09
CA VAL B 57 11.53 -10.89 -3.85
C VAL B 57 11.18 -11.14 -2.39
N GLN B 58 12.06 -11.79 -1.62
CA GLN B 58 11.80 -11.92 -0.19
C GLN B 58 12.16 -10.63 0.54
N VAL B 59 13.26 -9.99 0.15
CA VAL B 59 13.60 -8.68 0.70
C VAL B 59 12.55 -7.66 0.31
N TRP B 60 11.94 -7.83 -0.87
CA TRP B 60 10.88 -6.91 -1.29
C TRP B 60 9.66 -7.05 -0.38
N PHE B 61 9.21 -8.28 -0.14
CA PHE B 61 8.04 -8.47 0.73
C PHE B 61 8.33 -7.99 2.14
N LYS B 62 9.54 -8.21 2.64
CA LYS B 62 9.92 -7.68 3.95
C LYS B 62 9.80 -6.16 3.96
N ASN B 63 10.32 -5.49 2.93
CA ASN B 63 10.17 -4.05 2.84
C ASN B 63 8.72 -3.66 2.56
N ARG B 64 8.01 -4.46 1.78
CA ARG B 64 6.63 -4.12 1.43
C ARG B 64 5.71 -4.21 2.64
N ARG B 65 5.92 -5.19 3.52
CA ARG B 65 5.14 -5.24 4.74
C ARG B 65 5.48 -4.08 5.67
N ALA B 66 6.72 -3.60 5.65
CA ALA B 66 7.06 -2.40 6.42
C ALA B 66 6.36 -1.18 5.83
N LYS B 67 6.30 -1.09 4.49
CA LYS B 67 5.58 0.01 3.86
C LYS B 67 4.13 0.06 4.31
N CYS B 68 3.49 -1.11 4.39
CA CYS B 68 2.12 -1.18 4.90
C CYS B 68 2.04 -0.69 6.34
N ARG B 69 3.00 -1.07 7.17
CA ARG B 69 3.02 -0.61 8.55
C ARG B 69 3.32 0.88 8.64
N GLN B 70 4.27 1.36 7.82
CA GLN B 70 4.60 2.77 7.80
C GLN B 70 3.39 3.63 7.45
N GLN B 71 2.61 3.19 6.46
CA GLN B 71 1.53 4.03 5.95
C GLN B 71 0.35 4.10 6.92
N ARG B 72 0.09 3.04 7.68
CA ARG B 72 -0.95 3.13 8.70
C ARG B 72 -0.54 4.06 9.83
N GLN B 73 0.74 4.06 10.21
CA GLN B 73 1.21 5.04 11.19
C GLN B 73 1.22 6.44 10.60
N GLN B 74 1.65 6.57 9.36
CA GLN B 74 1.63 7.88 8.69
C GLN B 74 0.19 8.40 8.56
N GLN B 75 -0.78 7.50 8.47
CA GLN B 75 -2.18 7.91 8.41
C GLN B 75 -2.69 8.37 9.77
N LYS B 76 -2.40 7.62 10.84
CA LYS B 76 -2.78 8.06 12.17
C LYS B 76 -2.09 9.37 12.58
N GLN B 77 -0.93 9.65 11.99
CA GLN B 77 -0.26 10.94 12.23
C GLN B 77 -1.03 12.10 11.61
N GLN B 78 -1.38 11.97 10.33
CA GLN B 78 -2.05 13.04 9.60
C GLN B 78 -3.55 13.10 9.95
N ARG C 14 -24.55 11.23 -12.98
CA ARG C 14 -24.88 10.11 -13.84
C ARG C 14 -23.61 9.46 -14.41
N ARG C 15 -23.36 9.69 -15.71
CA ARG C 15 -22.17 9.20 -16.40
C ARG C 15 -22.03 7.69 -16.26
N GLU C 16 -20.98 7.22 -15.61
CA GLU C 16 -20.73 5.79 -15.46
C GLU C 16 -19.67 5.60 -14.37
N ARG C 17 -19.54 4.35 -13.93
CA ARG C 17 -18.57 4.04 -12.88
C ARG C 17 -17.16 4.35 -13.35
N THR C 18 -16.36 4.95 -12.47
CA THR C 18 -15.00 5.32 -12.83
C THR C 18 -14.08 4.11 -12.84
N THR C 19 -13.21 4.06 -13.83
CA THR C 19 -12.12 3.09 -13.90
C THR C 19 -10.79 3.85 -13.97
N PHE C 20 -9.85 3.43 -13.13
CA PHE C 20 -8.53 4.05 -13.07
C PHE C 20 -7.53 3.23 -13.88
N THR C 21 -6.93 3.84 -14.88
CA THR C 21 -5.87 3.19 -15.64
C THR C 21 -4.59 3.15 -14.80
N ARG C 22 -3.52 2.61 -15.40
CA ARG C 22 -2.26 2.51 -14.69
C ARG C 22 -1.62 3.89 -14.52
N SER C 23 -1.75 4.75 -15.53
CA SER C 23 -1.17 6.09 -15.45
C SER C 23 -1.84 6.91 -14.35
N GLN C 24 -3.18 6.86 -14.30
CA GLN C 24 -3.91 7.60 -13.25
C GLN C 24 -3.54 7.09 -11.87
N LEU C 25 -3.53 5.76 -11.69
CA LEU C 25 -3.13 5.20 -10.40
C LEU C 25 -1.72 5.62 -10.01
N GLU C 26 -0.85 5.86 -11.01
CA GLU C 26 0.52 6.25 -10.72
C GLU C 26 0.59 7.65 -10.12
N GLU C 27 -0.14 8.61 -10.73
CA GLU C 27 -0.17 9.96 -10.18
C GLU C 27 -0.88 9.99 -8.83
N LEU C 28 -1.88 9.13 -8.65
CA LEU C 28 -2.61 9.08 -7.40
C LEU C 28 -1.72 8.56 -6.27
N GLU C 29 -1.02 7.44 -6.51
CA GLU C 29 -0.13 6.91 -5.49
C GLU C 29 1.01 7.85 -5.17
N ALA C 30 1.46 8.62 -6.16
CA ALA C 30 2.51 9.61 -5.92
C ALA C 30 2.03 10.67 -4.92
N LEU C 31 0.78 11.10 -5.05
CA LEU C 31 0.23 12.05 -4.07
C LEU C 31 -0.05 11.37 -2.75
N PHE C 32 -0.58 10.15 -2.78
CA PHE C 32 -0.85 9.41 -1.55
C PHE C 32 0.41 9.15 -0.74
N ALA C 33 1.57 9.16 -1.37
CA ALA C 33 2.82 9.03 -0.63
C ALA C 33 3.17 10.32 0.09
N LYS C 34 3.06 11.46 -0.60
CA LYS C 34 3.35 12.74 0.04
C LYS C 34 2.35 13.05 1.14
N THR C 35 1.06 12.80 0.87
CA THR C 35 0.02 13.05 1.85
C THR C 35 -1.16 12.12 1.59
N GLN C 36 -1.78 11.66 2.67
CA GLN C 36 -2.98 10.84 2.58
C GLN C 36 -4.26 11.64 2.77
N TYR C 37 -4.16 12.89 3.20
CA TYR C 37 -5.31 13.76 3.39
C TYR C 37 -5.08 15.07 2.66
N PRO C 38 -5.08 15.04 1.32
CA PRO C 38 -4.84 16.27 0.56
C PRO C 38 -6.07 17.15 0.54
N ASP C 39 -5.84 18.45 0.39
CA ASP C 39 -6.91 19.42 0.28
C ASP C 39 -7.40 19.52 -1.16
N VAL C 40 -8.59 20.12 -1.31
CA VAL C 40 -9.24 20.20 -2.61
C VAL C 40 -8.37 20.92 -3.63
N TYR C 41 -7.43 21.77 -3.19
CA TYR C 41 -6.49 22.37 -4.12
C TYR C 41 -5.50 21.33 -4.63
N ALA C 42 -5.01 20.45 -3.75
CA ALA C 42 -4.10 19.40 -4.20
C ALA C 42 -4.85 18.29 -4.93
N ARG C 43 -6.14 18.12 -4.65
CA ARG C 43 -6.91 17.07 -5.29
C ARG C 43 -7.34 17.45 -6.70
N GLU C 44 -7.65 18.72 -6.94
CA GLU C 44 -8.00 19.14 -8.28
C GLU C 44 -6.77 19.27 -9.18
N GLU C 45 -5.59 19.50 -8.58
CA GLU C 45 -4.37 19.58 -9.38
C GLU C 45 -4.00 18.22 -9.95
N VAL C 46 -4.18 17.15 -9.16
CA VAL C 46 -3.93 15.81 -9.68
C VAL C 46 -5.10 15.31 -10.52
N ALA C 47 -6.29 15.90 -10.34
CA ALA C 47 -7.43 15.52 -11.16
C ALA C 47 -7.24 15.96 -12.61
N LEU C 48 -6.52 17.05 -12.83
CA LEU C 48 -6.27 17.50 -14.20
C LEU C 48 -5.25 16.59 -14.90
N LYS C 49 -4.24 16.12 -14.16
CA LYS C 49 -3.25 15.22 -14.75
C LYS C 49 -3.90 13.94 -15.26
N ILE C 50 -4.95 13.46 -14.59
CA ILE C 50 -5.59 12.21 -14.94
C ILE C 50 -6.87 12.41 -15.74
N ASN C 51 -7.21 13.65 -16.08
CA ASN C 51 -8.40 13.97 -16.88
C ASN C 51 -9.67 13.39 -16.25
N LEU C 52 -9.75 13.45 -14.93
CA LEU C 52 -10.90 12.97 -14.18
C LEU C 52 -11.41 14.05 -13.25
N PRO C 53 -12.70 14.02 -12.90
CA PRO C 53 -13.23 15.00 -11.95
C PRO C 53 -12.57 14.88 -10.59
N GLU C 54 -12.46 16.02 -9.90
CA GLU C 54 -11.89 16.01 -8.55
C GLU C 54 -12.73 15.16 -7.60
N SER C 55 -14.05 15.14 -7.80
CA SER C 55 -14.89 14.29 -6.97
C SER C 55 -14.53 12.81 -7.09
N ARG C 56 -13.84 12.43 -8.17
CA ARG C 56 -13.37 11.05 -8.30
C ARG C 56 -12.08 10.81 -7.54
N VAL C 57 -11.20 11.82 -7.48
CA VAL C 57 -9.94 11.66 -6.77
C VAL C 57 -10.14 11.72 -5.26
N GLN C 58 -11.21 12.35 -4.78
CA GLN C 58 -11.45 12.35 -3.34
C GLN C 58 -11.97 10.99 -2.88
N VAL C 59 -12.88 10.40 -3.66
CA VAL C 59 -13.35 9.04 -3.36
C VAL C 59 -12.19 8.05 -3.45
N TRP C 60 -11.21 8.34 -4.30
CA TRP C 60 -10.06 7.44 -4.42
C TRP C 60 -9.19 7.52 -3.17
N PHE C 61 -9.01 8.71 -2.60
CA PHE C 61 -8.24 8.83 -1.38
C PHE C 61 -8.99 8.28 -0.17
N LYS C 62 -10.33 8.39 -0.16
CA LYS C 62 -11.08 7.72 0.90
C LYS C 62 -10.92 6.20 0.79
N ASN C 63 -10.91 5.68 -0.43
CA ASN C 63 -10.77 4.24 -0.65
C ASN C 63 -9.34 3.77 -0.39
N ARG C 64 -8.34 4.55 -0.82
CA ARG C 64 -6.95 4.14 -0.62
C ARG C 64 -6.58 4.15 0.86
N ARG C 65 -7.11 5.10 1.63
CA ARG C 65 -6.89 5.07 3.07
C ARG C 65 -7.59 3.88 3.72
N ALA C 66 -8.75 3.48 3.20
CA ALA C 66 -9.38 2.25 3.65
C ALA C 66 -8.56 1.03 3.25
N LYS C 67 -8.01 1.03 2.04
CA LYS C 67 -7.13 -0.05 1.62
C LYS C 67 -5.87 -0.08 2.49
N CYS C 68 -5.42 1.09 2.94
CA CYS C 68 -4.27 1.15 3.84
C CYS C 68 -4.59 0.51 5.18
N ARG C 69 -5.82 0.68 5.67
CA ARG C 69 -6.22 0.09 6.94
C ARG C 69 -6.51 -1.40 6.79
N GLN C 70 -7.09 -1.82 5.65
CA GLN C 70 -7.35 -3.23 5.44
C GLN C 70 -6.06 -4.03 5.35
N GLN C 71 -5.06 -3.50 4.67
CA GLN C 71 -3.82 -4.26 4.49
C GLN C 71 -3.07 -4.43 5.80
N ARG C 72 -3.10 -3.41 6.67
CA ARG C 72 -2.49 -3.56 7.99
C ARG C 72 -3.21 -4.59 8.85
N GLN C 73 -4.50 -4.82 8.60
CA GLN C 73 -5.21 -5.85 9.33
C GLN C 73 -4.97 -7.23 8.73
N GLN C 74 -4.89 -7.32 7.40
CA GLN C 74 -4.55 -8.59 6.76
C GLN C 74 -3.16 -9.05 7.18
N GLN C 75 -2.25 -8.11 7.41
CA GLN C 75 -0.90 -8.47 7.86
C GLN C 75 -0.94 -9.10 9.25
N LYS C 76 -1.71 -8.52 10.17
CA LYS C 76 -1.83 -9.10 11.50
C LYS C 76 -2.59 -10.42 11.47
N GLN C 77 -3.51 -10.57 10.52
CA GLN C 77 -4.25 -11.82 10.37
C GLN C 77 -3.30 -12.98 10.09
N GLN C 78 -2.43 -12.82 9.10
CA GLN C 78 -1.50 -13.88 8.71
C GLN C 78 -0.10 -13.63 9.25
N ARG D 15 -28.26 7.71 -8.02
CA ARG D 15 -28.20 6.26 -8.05
C ARG D 15 -28.56 5.67 -6.68
N GLU D 16 -29.62 4.87 -6.64
CA GLU D 16 -30.08 4.29 -5.39
C GLU D 16 -29.22 3.10 -4.98
N ARG D 17 -29.42 2.64 -3.75
CA ARG D 17 -28.61 1.56 -3.19
C ARG D 17 -29.44 0.79 -2.18
N THR D 18 -29.42 -0.54 -2.28
CA THR D 18 -30.12 -1.40 -1.33
C THR D 18 -29.32 -1.52 -0.04
N THR D 19 -30.03 -1.55 1.09
CA THR D 19 -29.43 -1.84 2.38
C THR D 19 -30.23 -2.97 3.02
N PHE D 20 -29.57 -4.10 3.24
CA PHE D 20 -30.25 -5.27 3.79
C PHE D 20 -30.32 -5.16 5.31
N THR D 21 -31.50 -5.40 5.86
CA THR D 21 -31.64 -5.45 7.31
C THR D 21 -31.30 -6.84 7.82
N ARG D 22 -31.23 -6.97 9.15
CA ARG D 22 -30.89 -8.26 9.75
C ARG D 22 -31.92 -9.32 9.41
N SER D 23 -33.20 -8.94 9.35
CA SER D 23 -34.26 -9.90 9.02
C SER D 23 -34.13 -10.39 7.59
N GLN D 24 -33.70 -9.51 6.68
CA GLN D 24 -33.55 -9.90 5.28
C GLN D 24 -32.36 -10.82 5.08
N LEU D 25 -31.23 -10.54 5.75
CA LEU D 25 -30.06 -11.41 5.61
C LEU D 25 -30.34 -12.82 6.09
N GLU D 26 -31.23 -12.98 7.07
CA GLU D 26 -31.53 -14.30 7.60
C GLU D 26 -32.11 -15.20 6.52
N GLU D 27 -33.13 -14.71 5.80
CA GLU D 27 -33.71 -15.51 4.72
C GLU D 27 -32.74 -15.66 3.56
N LEU D 28 -31.93 -14.64 3.29
CA LEU D 28 -30.96 -14.72 2.21
C LEU D 28 -29.88 -15.75 2.52
N GLU D 29 -29.37 -15.75 3.76
CA GLU D 29 -28.40 -16.75 4.16
C GLU D 29 -29.01 -18.14 4.18
N ALA D 30 -30.27 -18.25 4.62
CA ALA D 30 -30.93 -19.54 4.67
C ALA D 30 -31.02 -20.18 3.28
N LEU D 31 -31.40 -19.39 2.27
CA LEU D 31 -31.39 -19.90 0.91
C LEU D 31 -29.97 -20.13 0.41
N PHE D 32 -29.02 -19.30 0.84
CA PHE D 32 -27.64 -19.49 0.40
C PHE D 32 -27.05 -20.78 0.96
N ALA D 33 -27.44 -21.17 2.17
CA ALA D 33 -26.97 -22.42 2.75
C ALA D 33 -27.50 -23.61 1.96
N LYS D 34 -28.77 -23.56 1.55
CA LYS D 34 -29.34 -24.64 0.76
C LYS D 34 -28.73 -24.70 -0.63
N THR D 35 -28.41 -23.54 -1.22
CA THR D 35 -27.80 -23.51 -2.54
C THR D 35 -27.14 -22.16 -2.75
N GLN D 36 -26.02 -22.17 -3.47
CA GLN D 36 -25.34 -20.94 -3.82
C GLN D 36 -25.70 -20.45 -5.21
N TYR D 37 -26.25 -21.31 -6.06
CA TYR D 37 -26.71 -20.97 -7.41
C TYR D 37 -28.20 -21.28 -7.51
N PRO D 38 -29.07 -20.37 -7.06
CA PRO D 38 -30.51 -20.60 -7.21
C PRO D 38 -31.02 -20.17 -8.58
N ASP D 39 -31.88 -21.00 -9.16
CA ASP D 39 -32.56 -20.61 -10.38
C ASP D 39 -33.48 -19.41 -10.11
N VAL D 40 -33.95 -18.78 -11.19
CA VAL D 40 -34.64 -17.49 -11.07
C VAL D 40 -35.90 -17.62 -10.21
N TYR D 41 -36.48 -18.82 -10.14
CA TYR D 41 -37.72 -18.99 -9.38
C TYR D 41 -37.46 -19.19 -7.90
N ALA D 42 -36.25 -19.57 -7.51
CA ALA D 42 -35.90 -19.61 -6.08
C ALA D 42 -35.63 -18.21 -5.56
N ARG D 43 -34.84 -17.43 -6.31
CA ARG D 43 -34.60 -16.03 -5.97
C ARG D 43 -35.90 -15.22 -6.00
N GLU D 44 -36.84 -15.60 -6.86
CA GLU D 44 -38.13 -14.91 -6.93
C GLU D 44 -38.89 -15.06 -5.63
N GLU D 45 -38.96 -16.30 -5.11
CA GLU D 45 -39.74 -16.58 -3.91
C GLU D 45 -39.14 -15.92 -2.68
N VAL D 46 -37.82 -15.76 -2.64
CA VAL D 46 -37.22 -15.12 -1.48
C VAL D 46 -37.21 -13.60 -1.63
N ALA D 47 -37.25 -13.09 -2.87
CA ALA D 47 -37.33 -11.65 -3.08
C ALA D 47 -38.62 -11.08 -2.51
N LEU D 48 -39.71 -11.84 -2.61
CA LEU D 48 -40.96 -11.44 -1.94
C LEU D 48 -40.83 -11.59 -0.43
N LYS D 49 -40.16 -12.63 0.03
CA LYS D 49 -39.98 -12.86 1.46
C LYS D 49 -39.13 -11.79 2.13
N ILE D 50 -38.45 -10.94 1.36
CA ILE D 50 -37.67 -9.83 1.91
C ILE D 50 -38.16 -8.48 1.38
N ASN D 51 -39.23 -8.46 0.58
CA ASN D 51 -39.82 -7.24 0.03
C ASN D 51 -38.79 -6.42 -0.74
N LEU D 52 -37.96 -7.10 -1.52
CA LEU D 52 -36.96 -6.48 -2.35
C LEU D 52 -36.99 -7.07 -3.76
N PRO D 53 -36.61 -6.30 -4.77
CA PRO D 53 -36.64 -6.82 -6.14
C PRO D 53 -35.65 -7.95 -6.33
N GLU D 54 -36.06 -8.94 -7.13
CA GLU D 54 -35.17 -10.07 -7.40
C GLU D 54 -33.84 -9.61 -7.98
N SER D 55 -33.82 -8.46 -8.64
CA SER D 55 -32.57 -7.97 -9.21
C SER D 55 -31.51 -7.80 -8.14
N ARG D 56 -31.92 -7.34 -6.95
CA ARG D 56 -31.00 -7.19 -5.84
C ARG D 56 -30.67 -8.52 -5.17
N VAL D 57 -31.50 -9.54 -5.37
CA VAL D 57 -31.19 -10.86 -4.81
C VAL D 57 -30.07 -11.52 -5.60
N GLN D 58 -30.14 -11.45 -6.94
CA GLN D 58 -29.10 -12.04 -7.76
C GLN D 58 -27.75 -11.36 -7.51
N VAL D 59 -27.76 -10.05 -7.26
CA VAL D 59 -26.53 -9.35 -6.96
C VAL D 59 -25.98 -9.80 -5.61
N TRP D 60 -26.85 -9.97 -4.62
CA TRP D 60 -26.40 -10.42 -3.30
C TRP D 60 -25.77 -11.80 -3.38
N PHE D 61 -26.33 -12.70 -4.19
CA PHE D 61 -25.72 -14.01 -4.39
C PHE D 61 -24.45 -13.91 -5.22
N LYS D 62 -24.41 -13.00 -6.20
CA LYS D 62 -23.17 -12.76 -6.93
C LYS D 62 -22.07 -12.31 -5.99
N ASN D 63 -22.42 -11.51 -4.98
CA ASN D 63 -21.45 -11.04 -4.00
C ASN D 63 -21.17 -12.09 -2.94
N ARG D 64 -22.22 -12.72 -2.40
CA ARG D 64 -22.03 -13.64 -1.28
C ARG D 64 -21.15 -14.83 -1.68
N ARG D 65 -21.22 -15.25 -2.94
CA ARG D 65 -20.37 -16.35 -3.38
C ARG D 65 -18.91 -15.93 -3.42
N ALA D 66 -18.64 -14.66 -3.71
CA ALA D 66 -17.27 -14.15 -3.59
C ALA D 66 -16.86 -14.03 -2.13
N LYS D 67 -17.79 -13.60 -1.26
CA LYS D 67 -17.56 -13.64 0.17
C LYS D 67 -17.19 -15.04 0.65
N CYS D 68 -17.72 -16.07 0.00
CA CYS D 68 -17.37 -17.44 0.37
C CYS D 68 -15.97 -17.79 -0.09
N ARG D 69 -15.59 -17.38 -1.31
CA ARG D 69 -14.30 -17.74 -1.87
C ARG D 69 -13.13 -16.98 -1.24
N GLN D 70 -13.40 -15.86 -0.57
CA GLN D 70 -12.35 -15.21 0.21
C GLN D 70 -12.25 -15.75 1.62
N GLN D 71 -13.35 -16.29 2.17
CA GLN D 71 -13.27 -16.99 3.45
C GLN D 71 -12.43 -18.25 3.32
N ARG D 72 -12.48 -18.91 2.16
CA ARG D 72 -11.68 -20.11 1.95
C ARG D 72 -10.19 -19.80 2.00
N GLN D 73 -9.77 -18.68 1.39
CA GLN D 73 -8.36 -18.31 1.40
C GLN D 73 -7.87 -17.91 2.79
N GLN D 74 -8.77 -17.76 3.76
CA GLN D 74 -8.40 -17.41 5.12
C GLN D 74 -8.46 -18.64 6.02
#